data_6XKR
#
_entry.id   6XKR
#
_cell.length_a   41.453
_cell.length_b   90.622
_cell.length_c   176.322
_cell.angle_alpha   90.000
_cell.angle_beta   90.000
_cell.angle_gamma   90.000
#
_symmetry.space_group_name_H-M   'P 2 21 21'
#
loop_
_entity.id
_entity.type
_entity.pdbx_description
1 polymer 'Sasanlimab Fab Heavy chain'
2 polymer 'Sasanlimab Fab Light chain'
3 polymer 'Programmed cell death protein 1'
4 non-polymer GLYCEROL
5 water water
#
loop_
_entity_poly.entity_id
_entity_poly.type
_entity_poly.pdbx_seq_one_letter_code
_entity_poly.pdbx_strand_id
1 'polypeptide(L)'
;QVQLVQSGAEVKKPGASVKVSCKASGYTFTSYWINWVRQAPGQGLEWMGNIYPGSSLTNYNEKFKNRVTMTRDTSTSTVY
MELSSLRSEDTAVYYCARLSTGTFAYWGQGTLVTVSSASTKGPSVFPLAPSSKSTSGGTAALGCLVKDYFPEPVTVSWNS
GALTSGVHTFPAVLQSSGLYSLSSVVTVPSSSLGTQTYICNVNHKPSNTKVDKKVEPKSCAAAHHHHHHHH
;
H
2 'polypeptide(L)'
;DIVMTQSPDSLAVSLGERATINCKSSQSLWDSGNQKNFLTWYQQKPGQPPKLLIYWTSYRESGVPDRFSGSGSGTDFTLT
ISSLQAEDVAVYYCQNDYFYPHTFGGGTKVEIKRTVAAPSVFIFPPSDEQLKSGTASVVCLLNNFYPREAKVQWKVDNAL
QSGNSQESVTEQDSKDSTYSLSSTLTLSKADYEKHKVYACEVTHQGLSSPVTKSFNRGEC
;
L
3 'polypeptide(L)'
;WNPPTFSPALLVVTEGDNATFTCSFSNTSESFVLNWYRMSPSNQTDKLAAFPEDRSQPGQDCRFRVTQLPNGRDFHMSVV
RARRNDSGTYLCGAISLAPKAQIKESLRAELRVTERRAEVPTAHPSPSPGSGSHHHHHHHH
;
P
#
# COMPACT_ATOMS: atom_id res chain seq x y z
N GLN A 1 12.40 12.70 -15.32
CA GLN A 1 11.15 12.40 -14.63
C GLN A 1 11.15 12.98 -13.22
N VAL A 2 9.97 13.07 -12.62
CA VAL A 2 9.84 13.48 -11.22
C VAL A 2 10.17 12.29 -10.33
N GLN A 3 11.10 12.50 -9.40
CA GLN A 3 11.58 11.41 -8.56
C GLN A 3 11.80 11.89 -7.14
N LEU A 4 11.42 11.07 -6.17
CA LEU A 4 11.66 11.31 -4.75
C LEU A 4 12.38 10.09 -4.20
N VAL A 5 13.69 10.21 -3.98
CA VAL A 5 14.50 9.11 -3.46
C VAL A 5 14.79 9.41 -1.99
N GLN A 6 14.37 8.50 -1.11
CA GLN A 6 14.55 8.64 0.32
C GLN A 6 15.80 7.93 0.79
N SER A 7 16.30 8.36 1.95
CA SER A 7 17.46 7.72 2.55
C SER A 7 17.12 6.30 3.00
N GLY A 8 18.16 5.48 3.12
CA GLY A 8 17.99 4.07 3.41
C GLY A 8 17.51 3.81 4.83
N ALA A 9 17.27 2.53 5.11
CA ALA A 9 16.75 2.11 6.40
C ALA A 9 17.77 2.36 7.50
N GLU A 10 17.26 2.55 8.73
CA GLU A 10 18.09 2.80 9.89
C GLU A 10 17.46 2.15 11.11
N VAL A 11 18.31 1.61 11.98
CA VAL A 11 17.89 1.04 13.26
C VAL A 11 18.39 1.96 14.37
N LYS A 12 17.49 2.34 15.27
CA LYS A 12 17.81 3.25 16.36
C LYS A 12 17.39 2.65 17.68
N LYS A 13 18.00 3.15 18.76
CA LYS A 13 17.64 2.71 20.10
C LYS A 13 16.52 3.59 20.66
N PRO A 14 15.73 3.07 21.60
CA PRO A 14 14.69 3.90 22.23
C PRO A 14 15.30 5.13 22.89
N GLY A 15 14.70 6.28 22.62
CA GLY A 15 15.20 7.56 23.09
C GLY A 15 16.06 8.30 22.09
N ALA A 16 16.48 7.65 21.01
CA ALA A 16 17.30 8.29 19.99
C ALA A 16 16.42 9.12 19.05
N SER A 17 17.03 9.67 18.00
CA SER A 17 16.32 10.46 17.02
C SER A 17 16.81 10.08 15.63
N VAL A 18 15.89 10.04 14.67
CA VAL A 18 16.23 9.69 13.30
C VAL A 18 15.99 10.90 12.40
N LYS A 19 16.75 10.95 11.30
CA LYS A 19 16.63 12.02 10.30
C LYS A 19 16.54 11.37 8.93
N VAL A 20 15.37 11.46 8.30
CA VAL A 20 15.11 10.86 7.00
C VAL A 20 15.20 11.93 5.92
N SER A 21 15.94 11.64 4.86
CA SER A 21 16.11 12.57 3.75
C SER A 21 15.23 12.17 2.57
N CYS A 22 14.92 13.16 1.74
CA CYS A 22 14.02 12.95 0.60
C CYS A 22 14.45 13.93 -0.49
N LYS A 23 15.12 13.41 -1.52
CA LYS A 23 15.72 14.24 -2.57
C LYS A 23 14.76 14.33 -3.76
N ALA A 24 14.24 15.53 -3.99
CA ALA A 24 13.33 15.78 -5.11
C ALA A 24 14.10 16.18 -6.35
N SER A 25 13.55 15.80 -7.51
CA SER A 25 14.12 16.19 -8.78
C SER A 25 13.04 16.07 -9.85
N GLY A 26 13.25 16.78 -10.96
CA GLY A 26 12.32 16.75 -12.07
C GLY A 26 11.26 17.82 -12.06
N TYR A 27 11.35 18.80 -11.15
CA TYR A 27 10.37 19.88 -11.08
C TYR A 27 10.98 21.02 -10.28
N THR A 28 10.24 22.12 -10.21
CA THR A 28 10.65 23.28 -9.41
C THR A 28 10.51 22.91 -7.94
N PHE A 29 11.63 22.49 -7.33
CA PHE A 29 11.60 21.92 -5.99
C PHE A 29 11.00 22.87 -4.96
N THR A 30 11.19 24.17 -5.14
CA THR A 30 10.84 25.15 -4.12
C THR A 30 9.38 25.57 -4.15
N SER A 31 8.57 25.02 -5.06
CA SER A 31 7.21 25.51 -5.26
C SER A 31 6.12 24.56 -4.82
N TYR A 32 6.45 23.30 -4.48
CA TYR A 32 5.44 22.29 -4.20
C TYR A 32 5.54 21.83 -2.76
N TRP A 33 4.39 21.58 -2.14
CA TRP A 33 4.35 21.05 -0.79
C TRP A 33 4.90 19.63 -0.76
N ILE A 34 5.59 19.29 0.33
CA ILE A 34 6.13 17.94 0.51
C ILE A 34 5.61 17.41 1.84
N ASN A 35 4.90 16.30 1.79
CA ASN A 35 4.26 15.69 2.94
C ASN A 35 5.09 14.51 3.45
N TRP A 36 4.88 14.18 4.73
CA TRP A 36 5.49 13.03 5.37
C TRP A 36 4.38 12.17 5.97
N VAL A 37 4.33 10.90 5.58
CA VAL A 37 3.32 9.96 6.05
C VAL A 37 4.02 8.68 6.47
N ARG A 38 3.64 8.15 7.64
CA ARG A 38 4.22 6.94 8.17
C ARG A 38 3.15 5.84 8.28
N GLN A 39 3.62 4.61 8.39
CA GLN A 39 2.73 3.46 8.46
C GLN A 39 3.39 2.39 9.33
N ALA A 40 2.85 2.19 10.53
CA ALA A 40 3.33 1.14 11.41
C ALA A 40 2.85 -0.23 10.90
N PRO A 41 3.61 -1.29 11.18
CA PRO A 41 3.21 -2.63 10.70
C PRO A 41 1.85 -3.03 11.23
N GLY A 42 0.94 -3.36 10.31
CA GLY A 42 -0.40 -3.76 10.69
C GLY A 42 -1.33 -2.63 11.06
N GLN A 43 -1.06 -1.41 10.60
CA GLN A 43 -1.88 -0.25 10.91
C GLN A 43 -1.96 0.65 9.70
N GLY A 44 -2.97 1.53 9.70
CA GLY A 44 -3.18 2.43 8.59
C GLY A 44 -2.15 3.54 8.55
N LEU A 45 -2.32 4.42 7.56
CA LEU A 45 -1.42 5.54 7.38
C LEU A 45 -1.71 6.64 8.40
N GLU A 46 -0.69 7.44 8.69
CA GLU A 46 -0.81 8.53 9.65
C GLU A 46 -0.05 9.73 9.10
N TRP A 47 -0.79 10.79 8.80
CA TRP A 47 -0.16 12.03 8.34
C TRP A 47 0.72 12.60 9.46
N MET A 48 1.92 13.04 9.08
CA MET A 48 2.89 13.54 10.05
C MET A 48 3.15 15.03 9.93
N GLY A 49 3.24 15.58 8.72
CA GLY A 49 3.50 17.00 8.61
C GLY A 49 3.66 17.47 7.17
N ASN A 50 3.79 18.78 7.04
CA ASN A 50 3.94 19.46 5.76
C ASN A 50 5.16 20.35 5.80
N ILE A 51 5.76 20.59 4.63
CA ILE A 51 6.81 21.58 4.51
C ILE A 51 6.75 22.20 3.12
N TYR A 52 6.84 23.53 3.07
CA TYR A 52 6.91 24.26 1.80
C TYR A 52 8.34 24.74 1.59
N PRO A 53 9.10 24.13 0.70
CA PRO A 53 10.52 24.49 0.57
C PRO A 53 10.76 25.95 0.21
N GLY A 54 9.77 26.65 -0.35
CA GLY A 54 9.97 28.03 -0.74
C GLY A 54 10.31 28.93 0.43
N SER A 55 9.66 28.72 1.57
CA SER A 55 9.90 29.56 2.74
C SER A 55 9.98 28.76 4.02
N SER A 56 10.14 27.44 3.92
CA SER A 56 10.29 26.56 5.10
C SER A 56 9.09 26.67 6.04
N LEU A 57 7.90 26.81 5.46
CA LEU A 57 6.66 26.76 6.25
C LEU A 57 6.33 25.32 6.58
N THR A 58 6.01 25.05 7.84
CA THR A 58 5.77 23.70 8.31
C THR A 58 4.39 23.59 8.94
N ASN A 59 3.80 22.40 8.80
CA ASN A 59 2.50 22.06 9.40
C ASN A 59 2.66 20.69 10.05
N TYR A 60 2.96 20.66 11.35
CA TYR A 60 3.19 19.40 12.02
C TYR A 60 1.89 18.82 12.57
N ASN A 61 1.93 17.53 12.87
CA ASN A 61 0.81 16.84 13.49
C ASN A 61 0.87 17.00 15.01
N GLU A 62 -0.28 17.23 15.62
CA GLU A 62 -0.32 17.44 17.07
C GLU A 62 0.11 16.21 17.86
N LYS A 63 0.08 15.02 17.23
CA LYS A 63 0.48 13.80 17.92
C LYS A 63 1.95 13.84 18.30
N PHE A 64 2.79 14.49 17.50
CA PHE A 64 4.21 14.66 17.78
C PHE A 64 4.42 16.14 18.08
N LYS A 65 4.13 16.52 19.32
CA LYS A 65 4.12 17.93 19.71
C LYS A 65 5.46 18.59 19.44
N ASN A 66 6.53 18.09 20.06
CA ASN A 66 7.87 18.65 19.88
C ASN A 66 8.88 17.60 19.43
N ARG A 67 8.40 16.47 18.88
CA ARG A 67 9.30 15.43 18.40
C ARG A 67 9.63 15.57 16.92
N VAL A 68 8.71 16.10 16.13
CA VAL A 68 8.85 16.17 14.67
C VAL A 68 9.49 17.50 14.28
N THR A 69 10.33 17.46 13.25
CA THR A 69 10.99 18.66 12.74
C THR A 69 11.27 18.47 11.26
N MET A 70 10.76 19.39 10.44
CA MET A 70 10.93 19.34 9.00
C MET A 70 11.77 20.53 8.53
N THR A 71 12.77 20.26 7.70
CA THR A 71 13.65 21.29 7.17
C THR A 71 13.88 21.04 5.69
N ARG A 72 14.52 22.01 5.03
CA ARG A 72 14.75 21.94 3.60
C ARG A 72 16.18 22.40 3.28
N ASP A 73 16.62 22.09 2.07
CA ASP A 73 17.94 22.51 1.59
C ASP A 73 17.83 22.77 0.09
N THR A 74 17.71 24.05 -0.27
CA THR A 74 17.49 24.40 -1.68
C THR A 74 18.70 24.07 -2.55
N SER A 75 19.90 24.04 -1.97
CA SER A 75 21.09 23.78 -2.78
C SER A 75 21.18 22.33 -3.22
N THR A 76 20.58 21.40 -2.46
CA THR A 76 20.54 19.99 -2.84
C THR A 76 19.14 19.50 -3.15
N SER A 77 18.12 20.36 -3.03
CA SER A 77 16.74 20.00 -3.30
C SER A 77 16.31 18.78 -2.47
N THR A 78 16.58 18.84 -1.18
CA THR A 78 16.27 17.76 -0.26
C THR A 78 15.49 18.31 0.93
N VAL A 79 14.47 17.56 1.35
CA VAL A 79 13.73 17.84 2.57
C VAL A 79 14.05 16.76 3.58
N TYR A 80 14.15 17.16 4.85
CA TYR A 80 14.54 16.25 5.92
C TYR A 80 13.41 16.17 6.95
N MET A 81 13.24 14.98 7.51
CA MET A 81 12.28 14.74 8.58
C MET A 81 13.02 14.20 9.79
N GLU A 82 12.83 14.85 10.94
CA GLU A 82 13.48 14.48 12.18
C GLU A 82 12.44 14.14 13.23
N LEU A 83 12.57 12.95 13.83
CA LEU A 83 11.69 12.52 14.91
C LEU A 83 12.56 12.13 16.09
N SER A 84 12.31 12.75 17.25
CA SER A 84 13.11 12.53 18.45
C SER A 84 12.28 11.79 19.49
N SER A 85 12.98 11.34 20.55
CA SER A 85 12.38 10.59 21.64
C SER A 85 11.64 9.35 21.12
N LEU A 86 12.39 8.52 20.39
CA LEU A 86 11.79 7.41 19.68
C LEU A 86 11.28 6.32 20.63
N ARG A 87 10.19 5.70 20.24
CA ARG A 87 9.59 4.58 20.95
C ARG A 87 9.54 3.36 20.04
N SER A 88 9.22 2.21 20.63
CA SER A 88 8.98 1.02 19.82
C SER A 88 7.77 1.22 18.91
N GLU A 89 6.78 1.97 19.37
CA GLU A 89 5.62 2.27 18.54
C GLU A 89 5.97 3.08 17.31
N ASP A 90 7.11 3.79 17.34
CA ASP A 90 7.55 4.58 16.20
C ASP A 90 8.19 3.74 15.09
N THR A 91 8.28 2.42 15.27
CA THR A 91 8.74 1.54 14.20
C THR A 91 7.74 1.56 13.07
N ALA A 92 8.18 1.98 11.88
CA ALA A 92 7.29 2.16 10.75
C ALA A 92 8.11 2.41 9.50
N VAL A 93 7.43 2.37 8.36
CA VAL A 93 7.97 2.83 7.09
C VAL A 93 7.47 4.24 6.86
N TYR A 94 8.40 5.16 6.59
CA TYR A 94 8.09 6.58 6.47
C TYR A 94 8.23 6.99 5.01
N TYR A 95 7.20 7.66 4.50
CA TYR A 95 7.14 8.08 3.11
C TYR A 95 7.17 9.60 3.00
N CYS A 96 7.91 10.11 2.01
CA CYS A 96 7.78 11.49 1.59
C CYS A 96 7.01 11.54 0.27
N ALA A 97 6.28 12.62 0.07
CA ALA A 97 5.44 12.74 -1.11
C ALA A 97 5.23 14.20 -1.47
N ARG A 98 5.22 14.49 -2.76
CA ARG A 98 4.92 15.83 -3.27
C ARG A 98 3.41 15.91 -3.50
N LEU A 99 2.70 16.56 -2.57
CA LEU A 99 1.24 16.63 -2.60
C LEU A 99 0.80 18.09 -2.50
N SER A 100 0.97 18.82 -3.59
CA SER A 100 0.38 20.14 -3.74
C SER A 100 -1.02 19.96 -4.32
N THR A 101 -2.01 20.54 -3.66
CA THR A 101 -3.41 20.28 -4.00
C THR A 101 -3.70 20.68 -5.45
N GLY A 102 -4.45 19.82 -6.15
CA GLY A 102 -4.76 20.03 -7.54
C GLY A 102 -3.69 19.60 -8.52
N THR A 103 -2.51 19.21 -8.04
CA THR A 103 -1.42 18.76 -8.89
C THR A 103 -1.19 17.27 -8.69
N PHE A 104 -0.43 16.68 -9.62
CA PHE A 104 -0.17 15.25 -9.58
C PHE A 104 0.65 14.87 -8.35
N ALA A 105 0.38 13.67 -7.84
CA ALA A 105 1.00 13.18 -6.61
C ALA A 105 2.15 12.24 -6.93
N TYR A 106 3.30 12.48 -6.30
CA TYR A 106 4.47 11.63 -6.43
C TYR A 106 4.90 11.15 -5.05
N TRP A 107 5.54 9.99 -5.00
CA TRP A 107 5.83 9.32 -3.74
C TRP A 107 7.27 8.83 -3.71
N GLY A 108 7.91 8.97 -2.55
CA GLY A 108 9.17 8.31 -2.31
C GLY A 108 8.99 6.82 -2.09
N GLN A 109 10.09 6.09 -2.21
CA GLN A 109 10.03 4.64 -2.09
C GLN A 109 9.80 4.18 -0.65
N GLY A 110 9.97 5.06 0.33
CA GLY A 110 9.79 4.68 1.72
C GLY A 110 11.12 4.44 2.42
N THR A 111 11.08 4.52 3.75
CA THR A 111 12.26 4.32 4.59
C THR A 111 11.82 3.62 5.87
N LEU A 112 12.42 2.47 6.15
CA LEU A 112 12.08 1.69 7.33
C LEU A 112 12.95 2.13 8.50
N VAL A 113 12.31 2.55 9.58
CA VAL A 113 13.01 2.94 10.81
C VAL A 113 12.59 1.96 11.90
N THR A 114 13.52 1.10 12.31
CA THR A 114 13.28 0.14 13.38
C THR A 114 13.83 0.71 14.67
N VAL A 115 12.97 0.83 15.68
CA VAL A 115 13.36 1.31 17.00
C VAL A 115 13.32 0.13 17.95
N SER A 116 14.49 -0.32 18.41
CA SER A 116 14.60 -1.49 19.25
C SER A 116 15.95 -1.52 19.92
N SER A 117 15.99 -2.06 21.13
CA SER A 117 17.23 -2.24 21.86
C SER A 117 17.96 -3.53 21.48
N ALA A 118 17.36 -4.35 20.61
CA ALA A 118 18.01 -5.57 20.18
C ALA A 118 19.24 -5.26 19.33
N SER A 119 20.08 -6.27 19.14
CA SER A 119 21.28 -6.14 18.33
C SER A 119 21.22 -7.10 17.16
N THR A 120 21.99 -6.78 16.11
CA THR A 120 21.97 -7.56 14.87
C THR A 120 22.34 -9.01 15.13
N LYS A 121 21.50 -9.92 14.66
CA LYS A 121 21.71 -11.36 14.83
C LYS A 121 21.32 -12.09 13.55
N GLY A 122 22.21 -12.95 13.07
CA GLY A 122 21.96 -13.71 11.87
C GLY A 122 20.99 -14.85 12.10
N PRO A 123 20.12 -15.10 11.13
CA PRO A 123 19.05 -16.09 11.33
C PRO A 123 19.56 -17.51 11.23
N SER A 124 18.81 -18.41 11.85
CA SER A 124 18.99 -19.84 11.69
C SER A 124 17.97 -20.37 10.70
N VAL A 125 18.42 -21.20 9.77
CA VAL A 125 17.57 -21.75 8.72
C VAL A 125 17.36 -23.22 9.02
N PHE A 126 16.15 -23.58 9.40
CA PHE A 126 15.80 -24.96 9.66
C PHE A 126 14.91 -25.50 8.55
N PRO A 127 15.11 -26.74 8.12
CA PRO A 127 14.29 -27.29 7.04
C PRO A 127 12.98 -27.85 7.58
N LEU A 128 11.87 -27.46 6.93
CA LEU A 128 10.57 -28.05 7.21
C LEU A 128 10.39 -29.21 6.23
N ALA A 129 10.65 -30.42 6.71
CA ALA A 129 10.66 -31.60 5.84
C ALA A 129 9.25 -32.13 5.63
N PRO A 130 8.95 -32.62 4.42
CA PRO A 130 7.62 -33.19 4.17
C PRO A 130 7.52 -34.62 4.66
N SER A 131 6.27 -35.10 4.72
CA SER A 131 5.95 -36.46 5.12
C SER A 131 6.46 -36.78 6.53
N THR A 135 3.61 -33.96 3.85
CA THR A 135 3.14 -34.52 2.59
C THR A 135 1.77 -35.14 2.75
N SER A 136 1.05 -35.26 1.64
CA SER A 136 -0.28 -35.87 1.64
C SER A 136 -0.38 -36.91 0.54
N GLY A 137 -1.60 -37.14 0.04
CA GLY A 137 -1.80 -38.10 -1.04
C GLY A 137 -1.54 -37.49 -2.40
N GLY A 138 -2.09 -36.30 -2.64
CA GLY A 138 -1.92 -35.64 -3.92
C GLY A 138 -0.74 -34.69 -3.96
N THR A 139 -0.73 -33.71 -3.07
CA THR A 139 0.32 -32.70 -3.02
C THR A 139 1.09 -32.80 -1.71
N ALA A 140 2.36 -32.41 -1.77
CA ALA A 140 3.24 -32.38 -0.62
C ALA A 140 3.69 -30.95 -0.35
N ALA A 141 3.92 -30.64 0.92
CA ALA A 141 4.35 -29.33 1.35
C ALA A 141 5.68 -29.43 2.08
N LEU A 142 6.59 -28.51 1.77
CA LEU A 142 7.89 -28.43 2.42
C LEU A 142 8.27 -26.96 2.52
N GLY A 143 9.19 -26.66 3.44
CA GLY A 143 9.54 -25.27 3.62
C GLY A 143 10.80 -25.09 4.43
N CYS A 144 11.10 -23.81 4.71
CA CYS A 144 12.24 -23.41 5.50
C CYS A 144 11.76 -22.51 6.64
N LEU A 145 12.31 -22.73 7.83
CA LEU A 145 12.00 -21.91 8.99
C LEU A 145 13.19 -20.97 9.23
N VAL A 146 12.96 -19.68 9.03
CA VAL A 146 13.99 -18.66 9.23
C VAL A 146 13.70 -18.00 10.58
N LYS A 147 14.46 -18.39 11.60
CA LYS A 147 14.15 -18.08 12.98
C LYS A 147 15.25 -17.23 13.62
N ASP A 148 14.82 -16.25 14.43
CA ASP A 148 15.69 -15.47 15.30
C ASP A 148 16.68 -14.62 14.52
N TYR A 149 16.20 -13.51 13.95
CA TYR A 149 17.06 -12.55 13.27
C TYR A 149 16.61 -11.14 13.60
N PHE A 150 17.53 -10.19 13.41
CA PHE A 150 17.24 -8.78 13.61
C PHE A 150 18.30 -7.97 12.88
N PRO A 151 17.93 -6.89 12.18
CA PRO A 151 16.53 -6.47 12.02
C PRO A 151 15.91 -7.02 10.75
N GLU A 152 14.81 -6.47 10.34
CA GLU A 152 14.19 -6.84 9.09
C GLU A 152 14.95 -6.17 8.01
N PRO A 153 15.06 -6.79 6.86
CA PRO A 153 14.33 -7.87 6.24
C PRO A 153 15.20 -9.03 5.78
N VAL A 154 14.52 -10.12 5.50
CA VAL A 154 15.10 -11.33 5.01
C VAL A 154 14.50 -11.59 3.64
N THR A 155 15.30 -12.07 2.72
CA THR A 155 14.91 -12.41 1.35
C THR A 155 15.05 -13.92 1.17
N VAL A 156 13.94 -14.59 0.86
CA VAL A 156 13.91 -16.03 0.65
C VAL A 156 13.50 -16.30 -0.78
N SER A 157 14.25 -17.16 -1.46
CA SER A 157 13.90 -17.65 -2.79
C SER A 157 14.09 -19.16 -2.82
N TRP A 158 13.53 -19.79 -3.84
CA TRP A 158 13.57 -21.24 -4.00
C TRP A 158 14.23 -21.60 -5.31
N ASN A 159 15.26 -22.44 -5.25
CA ASN A 159 16.02 -22.87 -6.42
C ASN A 159 16.52 -21.67 -7.22
N SER A 160 17.15 -20.73 -6.51
CA SER A 160 17.70 -19.51 -7.11
C SER A 160 16.62 -18.76 -7.91
N GLY A 161 15.39 -18.79 -7.40
CA GLY A 161 14.28 -18.12 -8.05
C GLY A 161 13.64 -18.88 -9.18
N ALA A 162 14.08 -20.12 -9.46
CA ALA A 162 13.50 -20.90 -10.54
C ALA A 162 12.18 -21.55 -10.15
N LEU A 163 11.89 -21.65 -8.85
CA LEU A 163 10.65 -22.25 -8.36
C LEU A 163 9.80 -21.15 -7.74
N THR A 164 8.80 -20.68 -8.48
CA THR A 164 7.95 -19.59 -8.03
C THR A 164 6.48 -19.98 -7.86
N SER A 165 6.07 -21.15 -8.35
CA SER A 165 4.68 -21.57 -8.25
C SER A 165 4.42 -22.25 -6.93
N GLY A 166 3.27 -21.94 -6.34
CA GLY A 166 2.89 -22.53 -5.07
C GLY A 166 3.76 -22.13 -3.89
N VAL A 167 4.54 -21.05 -4.03
CA VAL A 167 5.44 -20.59 -2.98
C VAL A 167 4.72 -19.55 -2.14
N HIS A 168 4.78 -19.71 -0.81
CA HIS A 168 4.18 -18.76 0.12
C HIS A 168 5.23 -18.38 1.16
N THR A 169 5.71 -17.14 1.08
CA THR A 169 6.58 -16.58 2.11
C THR A 169 5.73 -15.70 3.01
N PHE A 170 5.54 -16.15 4.25
CA PHE A 170 4.67 -15.48 5.19
C PHE A 170 5.37 -14.27 5.82
N PRO A 171 4.61 -13.22 6.16
CA PRO A 171 5.22 -12.05 6.79
C PRO A 171 5.86 -12.43 8.12
N ALA A 172 6.95 -11.72 8.44
CA ALA A 172 7.68 -11.99 9.66
C ALA A 172 6.81 -11.68 10.88
N VAL A 173 7.21 -12.25 12.02
CA VAL A 173 6.50 -12.07 13.29
C VAL A 173 7.53 -11.69 14.35
N LEU A 174 7.24 -10.64 15.10
CA LEU A 174 8.13 -10.21 16.17
C LEU A 174 7.88 -11.04 17.42
N GLN A 175 8.94 -11.59 17.98
CA GLN A 175 8.86 -12.48 19.13
C GLN A 175 9.19 -11.73 20.41
N SER A 176 9.02 -12.42 21.54
CA SER A 176 9.30 -11.82 22.84
C SER A 176 10.76 -11.42 22.98
N SER A 177 11.65 -12.14 22.30
CA SER A 177 13.09 -11.84 22.34
C SER A 177 13.46 -10.59 21.56
N GLY A 178 12.50 -9.90 20.95
CA GLY A 178 12.81 -8.81 20.07
C GLY A 178 13.33 -9.23 18.71
N LEU A 179 13.39 -10.52 18.43
CA LEU A 179 13.85 -11.05 17.15
C LEU A 179 12.66 -11.41 16.28
N TYR A 180 12.90 -11.44 14.98
CA TYR A 180 11.88 -11.78 14.00
C TYR A 180 11.99 -13.24 13.59
N SER A 181 10.90 -13.76 13.03
CA SER A 181 10.84 -15.14 12.58
C SER A 181 9.85 -15.24 11.44
N LEU A 182 10.25 -15.91 10.36
CA LEU A 182 9.35 -16.14 9.23
C LEU A 182 9.56 -17.56 8.71
N SER A 183 8.58 -18.02 7.94
CA SER A 183 8.64 -19.30 7.27
C SER A 183 8.26 -19.12 5.81
N SER A 184 8.78 -20.00 4.96
CA SER A 184 8.48 -19.97 3.53
C SER A 184 8.17 -21.39 3.09
N VAL A 185 6.98 -21.60 2.53
CA VAL A 185 6.51 -22.93 2.16
C VAL A 185 6.40 -23.03 0.64
N VAL A 186 6.25 -24.26 0.16
CA VAL A 186 6.01 -24.51 -1.26
C VAL A 186 5.33 -25.86 -1.42
N THR A 187 4.26 -25.90 -2.21
CA THR A 187 3.54 -27.14 -2.48
C THR A 187 3.86 -27.66 -3.87
N VAL A 188 4.11 -28.97 -3.95
CA VAL A 188 4.51 -29.62 -5.20
C VAL A 188 3.77 -30.94 -5.33
N PRO A 189 3.72 -31.50 -6.53
CA PRO A 189 3.16 -32.86 -6.68
C PRO A 189 3.95 -33.87 -5.87
N SER A 190 3.24 -34.87 -5.34
CA SER A 190 3.85 -35.88 -4.50
C SER A 190 4.89 -36.71 -5.25
N SER A 191 4.79 -36.80 -6.57
CA SER A 191 5.74 -37.58 -7.35
C SER A 191 7.07 -36.86 -7.56
N SER A 192 7.13 -35.55 -7.28
CA SER A 192 8.34 -34.77 -7.51
C SER A 192 9.28 -34.73 -6.31
N LEU A 193 8.89 -35.32 -5.18
CA LEU A 193 9.73 -35.27 -3.99
C LEU A 193 11.06 -35.99 -4.22
N GLY A 194 11.04 -37.11 -4.94
CA GLY A 194 12.23 -37.85 -5.26
C GLY A 194 12.76 -37.64 -6.65
N THR A 195 12.22 -36.70 -7.41
CA THR A 195 12.68 -36.42 -8.77
C THR A 195 13.22 -35.01 -8.97
N GLN A 196 13.14 -34.15 -7.95
CA GLN A 196 13.60 -32.78 -8.08
C GLN A 196 14.13 -32.31 -6.73
N THR A 197 15.26 -31.60 -6.77
CA THR A 197 15.84 -31.04 -5.55
C THR A 197 15.20 -29.69 -5.23
N TYR A 198 15.04 -29.42 -3.94
CA TYR A 198 14.46 -28.18 -3.46
C TYR A 198 15.42 -27.50 -2.51
N ILE A 199 15.75 -26.23 -2.79
CA ILE A 199 16.70 -25.48 -2.00
C ILE A 199 16.12 -24.08 -1.78
N CYS A 200 15.96 -23.69 -0.52
CA CYS A 200 15.57 -22.33 -0.18
C CYS A 200 16.83 -21.49 0.01
N ASN A 201 16.83 -20.30 -0.59
CA ASN A 201 17.99 -19.41 -0.56
C ASN A 201 17.66 -18.24 0.36
N VAL A 202 18.13 -18.31 1.59
CA VAL A 202 17.88 -17.28 2.60
C VAL A 202 19.04 -16.29 2.58
N ASN A 203 18.71 -15.01 2.73
CA ASN A 203 19.71 -13.95 2.72
C ASN A 203 19.30 -12.88 3.74
N HIS A 204 20.22 -12.58 4.65
CA HIS A 204 20.02 -11.54 5.66
C HIS A 204 21.23 -10.61 5.58
N LYS A 205 21.06 -9.52 4.84
CA LYS A 205 22.19 -8.60 4.60
C LYS A 205 22.74 -7.94 5.85
N PRO A 206 21.94 -7.46 6.82
CA PRO A 206 22.54 -6.78 7.98
C PRO A 206 23.53 -7.61 8.77
N SER A 207 23.46 -8.95 8.66
CA SER A 207 24.36 -9.82 9.40
C SER A 207 25.29 -10.61 8.50
N ASN A 208 25.32 -10.29 7.20
CA ASN A 208 26.14 -11.01 6.22
C ASN A 208 25.81 -12.50 6.19
N THR A 209 24.55 -12.85 6.44
CA THR A 209 24.11 -14.24 6.43
C THR A 209 23.66 -14.63 5.03
N LYS A 210 24.25 -15.69 4.49
CA LYS A 210 23.84 -16.28 3.22
C LYS A 210 23.81 -17.78 3.38
N VAL A 211 22.62 -18.38 3.27
CA VAL A 211 22.44 -19.80 3.51
C VAL A 211 21.58 -20.38 2.39
N ASP A 212 22.03 -21.49 1.81
CA ASP A 212 21.27 -22.25 0.82
C ASP A 212 21.01 -23.63 1.42
N LYS A 213 19.86 -23.81 2.04
CA LYS A 213 19.52 -25.08 2.69
C LYS A 213 18.74 -25.97 1.74
N LYS A 214 19.18 -27.22 1.63
CA LYS A 214 18.50 -28.21 0.81
C LYS A 214 17.44 -28.91 1.67
N VAL A 215 16.19 -28.89 1.21
CA VAL A 215 15.09 -29.52 1.92
C VAL A 215 14.93 -30.93 1.35
N GLU A 216 15.42 -31.92 2.09
CA GLU A 216 15.29 -33.32 1.74
C GLU A 216 14.18 -33.98 2.54
N PRO A 217 13.44 -34.91 1.94
CA PRO A 217 12.30 -35.52 2.65
C PRO A 217 12.76 -36.38 3.81
N LYS A 218 11.81 -36.71 4.67
CA LYS A 218 12.08 -37.55 5.84
C LYS A 218 11.38 -38.89 5.71
N ASP B 1 -10.28 19.19 15.65
CA ASP B 1 -9.58 18.18 14.86
C ASP B 1 -10.56 17.30 14.09
N ILE B 2 -10.24 17.06 12.83
CA ILE B 2 -11.09 16.25 11.95
C ILE B 2 -10.89 14.78 12.26
N VAL B 3 -11.99 14.05 12.46
CA VAL B 3 -11.97 12.62 12.68
C VAL B 3 -12.62 11.94 11.49
N MET B 4 -11.90 11.01 10.86
CA MET B 4 -12.38 10.31 9.67
C MET B 4 -12.68 8.86 10.05
N THR B 5 -13.95 8.50 9.97
CA THR B 5 -14.42 7.15 10.30
C THR B 5 -14.79 6.44 9.00
N GLN B 6 -14.19 5.27 8.77
CA GLN B 6 -14.44 4.48 7.57
C GLN B 6 -15.21 3.22 7.93
N SER B 7 -16.31 3.00 7.26
CA SER B 7 -17.11 1.84 7.49
C SER B 7 -17.43 1.29 6.14
N PRO B 8 -17.37 -0.02 5.97
CA PRO B 8 -16.97 -1.11 6.84
C PRO B 8 -15.49 -1.24 6.93
N ASP B 9 -15.01 -1.91 7.95
CA ASP B 9 -13.60 -2.15 8.11
C ASP B 9 -13.01 -3.02 7.03
N SER B 10 -13.77 -4.02 6.61
CA SER B 10 -13.39 -4.95 5.56
C SER B 10 -14.59 -5.18 4.65
N LEU B 11 -14.31 -5.43 3.38
CA LEU B 11 -15.36 -5.59 2.38
C LEU B 11 -14.98 -6.71 1.42
N ALA B 12 -15.93 -7.62 1.18
CA ALA B 12 -15.74 -8.75 0.28
C ALA B 12 -16.72 -8.64 -0.87
N VAL B 13 -16.20 -8.45 -2.08
CA VAL B 13 -17.02 -8.30 -3.27
C VAL B 13 -16.57 -9.33 -4.30
N SER B 14 -17.54 -9.92 -5.00
CA SER B 14 -17.22 -10.84 -6.08
C SER B 14 -16.56 -10.09 -7.23
N LEU B 15 -15.81 -10.83 -8.05
CA LEU B 15 -15.06 -10.23 -9.15
C LEU B 15 -16.03 -9.75 -10.23
N GLY B 16 -16.14 -8.42 -10.38
CA GLY B 16 -16.97 -7.83 -11.41
C GLY B 16 -18.18 -7.08 -10.91
N GLU B 17 -18.43 -7.03 -9.61
CA GLU B 17 -19.57 -6.32 -9.05
C GLU B 17 -19.10 -5.04 -8.37
N ARG B 18 -20.05 -4.33 -7.76
CA ARG B 18 -19.81 -2.98 -7.26
C ARG B 18 -19.40 -3.01 -5.79
N ALA B 19 -18.34 -2.27 -5.46
CA ALA B 19 -17.89 -2.07 -4.09
C ALA B 19 -18.09 -0.61 -3.70
N THR B 20 -18.55 -0.39 -2.48
CA THR B 20 -18.78 0.96 -1.96
C THR B 20 -18.15 1.09 -0.59
N ILE B 21 -17.36 2.15 -0.39
CA ILE B 21 -16.70 2.44 0.87
C ILE B 21 -17.18 3.80 1.36
N ASN B 22 -17.47 3.89 2.66
CA ASN B 22 -18.01 5.10 3.25
C ASN B 22 -16.97 5.78 4.13
N CYS B 23 -17.06 7.10 4.22
CA CYS B 23 -16.14 7.90 5.03
C CYS B 23 -16.91 9.09 5.58
N LYS B 24 -16.99 9.19 6.91
CA LYS B 24 -17.70 10.25 7.59
C LYS B 24 -16.71 11.10 8.38
N SER B 25 -16.78 12.42 8.20
CA SER B 25 -15.88 13.34 8.87
C SER B 25 -16.59 14.03 10.04
N SER B 26 -15.80 14.43 11.04
CA SER B 26 -16.36 15.07 12.22
C SER B 26 -16.81 16.49 11.92
N GLN B 27 -16.20 17.16 10.95
CA GLN B 27 -16.61 18.50 10.54
C GLN B 27 -16.75 18.53 9.02
N SER B 28 -17.36 19.60 8.53
CA SER B 28 -17.57 19.75 7.10
C SER B 28 -16.24 20.01 6.39
N LEU B 29 -16.06 19.38 5.24
CA LEU B 29 -14.87 19.56 4.42
C LEU B 29 -15.09 20.51 3.26
N TRP B 30 -16.12 21.35 3.34
CA TRP B 30 -16.44 22.29 2.28
C TRP B 30 -15.65 23.57 2.43
N ASP B 31 -15.19 24.11 1.30
CA ASP B 31 -14.40 25.34 1.26
C ASP B 31 -15.14 26.35 0.38
N SER B 32 -15.63 27.44 0.99
CA SER B 32 -16.36 28.44 0.24
C SER B 32 -15.44 29.23 -0.69
N GLY B 33 -14.15 29.32 -0.37
CA GLY B 33 -13.22 30.07 -1.19
C GLY B 33 -12.86 29.39 -2.49
N ASN B 34 -12.97 28.06 -2.56
CA ASN B 34 -12.67 27.31 -3.76
C ASN B 34 -13.85 26.52 -4.30
N GLN B 35 -14.97 26.49 -3.58
CA GLN B 35 -16.17 25.76 -3.99
C GLN B 35 -15.86 24.27 -4.23
N LYS B 36 -15.15 23.68 -3.28
CA LYS B 36 -14.75 22.28 -3.36
C LYS B 36 -14.95 21.61 -2.01
N ASN B 37 -15.17 20.31 -2.05
CA ASN B 37 -15.15 19.46 -0.86
C ASN B 37 -13.78 18.77 -0.83
N PHE B 38 -12.93 19.19 0.10
CA PHE B 38 -11.54 18.74 0.13
C PHE B 38 -11.46 17.39 0.83
N LEU B 39 -11.63 16.33 0.05
CA LEU B 39 -11.49 14.96 0.53
C LEU B 39 -10.77 14.14 -0.52
N THR B 40 -9.77 13.38 -0.09
CA THR B 40 -8.92 12.59 -0.98
C THR B 40 -9.09 11.11 -0.67
N TRP B 41 -9.05 10.28 -1.71
CA TRP B 41 -9.11 8.83 -1.58
C TRP B 41 -7.78 8.24 -2.02
N TYR B 42 -7.27 7.29 -1.24
CA TYR B 42 -6.00 6.64 -1.51
C TYR B 42 -6.19 5.14 -1.66
N GLN B 43 -5.32 4.53 -2.46
CA GLN B 43 -5.26 3.08 -2.62
C GLN B 43 -3.83 2.64 -2.31
N GLN B 44 -3.71 1.63 -1.44
CA GLN B 44 -2.39 1.11 -1.08
C GLN B 44 -2.43 -0.41 -1.07
N LYS B 45 -1.64 -1.02 -1.92
CA LYS B 45 -1.33 -2.45 -1.98
C LYS B 45 -0.18 -2.77 -1.04
N PRO B 46 -0.11 -4.00 -0.53
CA PRO B 46 0.94 -4.34 0.44
C PRO B 46 2.32 -4.17 -0.16
N GLY B 47 3.21 -3.52 0.60
CA GLY B 47 4.58 -3.32 0.16
C GLY B 47 4.76 -2.26 -0.91
N GLN B 48 3.83 -1.31 -1.02
CA GLN B 48 3.88 -0.28 -2.03
C GLN B 48 3.49 1.05 -1.41
N PRO B 49 4.05 2.17 -1.89
CA PRO B 49 3.61 3.47 -1.41
C PRO B 49 2.17 3.73 -1.82
N PRO B 50 1.42 4.51 -1.05
CA PRO B 50 0.02 4.78 -1.39
C PRO B 50 -0.10 5.45 -2.75
N LYS B 51 -1.29 5.30 -3.34
CA LYS B 51 -1.58 5.84 -4.66
C LYS B 51 -2.84 6.69 -4.57
N LEU B 52 -2.75 7.94 -5.02
CA LEU B 52 -3.87 8.86 -4.97
C LEU B 52 -4.87 8.53 -6.07
N LEU B 53 -6.13 8.31 -5.69
CA LEU B 53 -7.18 7.97 -6.62
C LEU B 53 -8.09 9.16 -6.93
N ILE B 54 -8.70 9.74 -5.90
CA ILE B 54 -9.67 10.81 -6.06
C ILE B 54 -9.28 11.95 -5.12
N TYR B 55 -9.23 13.16 -5.66
CA TYR B 55 -9.08 14.37 -4.86
C TYR B 55 -10.29 15.26 -5.08
N TRP B 56 -10.49 16.21 -4.16
CA TRP B 56 -11.63 17.13 -4.22
C TRP B 56 -12.95 16.38 -4.35
N THR B 57 -13.05 15.25 -3.66
CA THR B 57 -14.27 14.46 -3.54
C THR B 57 -14.64 13.72 -4.82
N SER B 58 -14.55 14.39 -5.98
CA SER B 58 -15.01 13.77 -7.22
C SER B 58 -14.14 14.14 -8.42
N TYR B 59 -12.84 14.32 -8.19
CA TYR B 59 -11.89 14.57 -9.28
C TYR B 59 -10.96 13.36 -9.40
N ARG B 60 -10.86 12.83 -10.62
CA ARG B 60 -10.07 11.63 -10.87
C ARG B 60 -8.66 12.00 -11.30
N GLU B 61 -7.67 11.45 -10.61
CA GLU B 61 -6.28 11.65 -11.01
C GLU B 61 -6.01 10.95 -12.34
N SER B 62 -5.05 11.49 -13.09
CA SER B 62 -4.71 10.92 -14.39
C SER B 62 -4.20 9.49 -14.23
N GLY B 63 -4.72 8.59 -15.06
CA GLY B 63 -4.38 7.19 -14.98
C GLY B 63 -5.33 6.35 -14.15
N VAL B 64 -6.22 6.96 -13.39
CA VAL B 64 -7.18 6.21 -12.59
C VAL B 64 -8.27 5.67 -13.50
N PRO B 65 -8.61 4.38 -13.41
CA PRO B 65 -9.57 3.78 -14.36
C PRO B 65 -10.98 4.33 -14.24
N ASP B 66 -11.86 3.83 -15.11
CA ASP B 66 -13.23 4.32 -15.17
C ASP B 66 -14.02 3.92 -13.93
N ARG B 67 -13.77 2.72 -13.40
CA ARG B 67 -14.62 2.17 -12.35
C ARG B 67 -14.58 2.95 -11.06
N PHE B 68 -13.50 3.70 -10.80
CA PHE B 68 -13.37 4.43 -9.56
C PHE B 68 -14.10 5.77 -9.66
N SER B 69 -14.96 6.05 -8.68
CA SER B 69 -15.79 7.24 -8.70
C SER B 69 -16.07 7.68 -7.28
N GLY B 70 -15.79 8.95 -6.99
CA GLY B 70 -16.03 9.51 -5.67
C GLY B 70 -17.30 10.34 -5.65
N SER B 71 -17.91 10.44 -4.47
CA SER B 71 -19.13 11.20 -4.32
C SER B 71 -19.28 11.60 -2.85
N GLY B 72 -20.29 12.41 -2.59
CA GLY B 72 -20.58 12.90 -1.25
C GLY B 72 -20.38 14.41 -1.15
N SER B 73 -20.85 14.94 -0.03
CA SER B 73 -20.72 16.36 0.26
C SER B 73 -20.98 16.60 1.74
N GLY B 74 -20.26 17.55 2.32
CA GLY B 74 -20.42 17.88 3.72
C GLY B 74 -19.60 16.99 4.63
N THR B 75 -20.25 16.02 5.26
CA THR B 75 -19.59 15.09 6.16
C THR B 75 -19.71 13.63 5.73
N ASP B 76 -20.48 13.34 4.68
CA ASP B 76 -20.66 11.99 4.19
C ASP B 76 -20.07 11.87 2.80
N PHE B 77 -19.23 10.85 2.60
CA PHE B 77 -18.53 10.65 1.34
C PHE B 77 -18.52 9.16 1.02
N THR B 78 -18.19 8.84 -0.23
CA THR B 78 -18.29 7.47 -0.70
C THR B 78 -17.36 7.26 -1.89
N LEU B 79 -16.62 6.15 -1.86
CA LEU B 79 -15.84 5.70 -3.00
C LEU B 79 -16.47 4.42 -3.55
N THR B 80 -16.70 4.39 -4.86
CA THR B 80 -17.39 3.27 -5.50
C THR B 80 -16.54 2.70 -6.62
N ILE B 81 -16.40 1.39 -6.64
CA ILE B 81 -15.80 0.66 -7.75
C ILE B 81 -16.91 -0.12 -8.44
N SER B 82 -17.16 0.20 -9.71
CA SER B 82 -18.27 -0.42 -10.42
C SER B 82 -17.98 -1.85 -10.87
N SER B 83 -16.73 -2.14 -11.26
CA SER B 83 -16.34 -3.46 -11.75
C SER B 83 -15.05 -3.84 -11.05
N LEU B 84 -15.17 -4.49 -9.89
CA LEU B 84 -14.00 -4.83 -9.07
C LEU B 84 -13.15 -5.85 -9.81
N GLN B 85 -11.94 -5.45 -10.20
CA GLN B 85 -10.99 -6.35 -10.83
C GLN B 85 -10.04 -6.92 -9.78
N ALA B 86 -9.20 -7.87 -10.22
CA ALA B 86 -8.22 -8.46 -9.33
C ALA B 86 -7.21 -7.43 -8.85
N GLU B 87 -6.86 -6.46 -9.70
CA GLU B 87 -5.86 -5.46 -9.38
C GLU B 87 -6.38 -4.38 -8.43
N ASP B 88 -7.62 -4.49 -7.95
CA ASP B 88 -8.17 -3.52 -7.02
C ASP B 88 -8.03 -3.92 -5.56
N VAL B 89 -7.61 -5.15 -5.28
CA VAL B 89 -7.45 -5.62 -3.91
C VAL B 89 -6.37 -4.79 -3.23
N ALA B 90 -6.79 -3.96 -2.28
CA ALA B 90 -5.90 -3.08 -1.54
C ALA B 90 -6.69 -2.49 -0.37
N VAL B 91 -6.02 -1.66 0.41
CA VAL B 91 -6.67 -0.91 1.48
C VAL B 91 -6.91 0.51 0.99
N TYR B 92 -8.11 1.04 1.22
CA TYR B 92 -8.50 2.35 0.74
C TYR B 92 -8.70 3.29 1.93
N TYR B 93 -8.02 4.43 1.89
CA TYR B 93 -8.09 5.43 2.95
C TYR B 93 -8.68 6.72 2.41
N CYS B 94 -9.60 7.30 3.18
CA CYS B 94 -10.03 8.67 2.95
C CYS B 94 -9.21 9.60 3.82
N GLN B 95 -8.92 10.78 3.29
CA GLN B 95 -8.06 11.73 3.98
C GLN B 95 -8.65 13.13 3.94
N ASN B 96 -8.62 13.81 5.08
CA ASN B 96 -9.07 15.19 5.17
C ASN B 96 -8.00 16.09 4.54
N ASP B 97 -8.33 16.71 3.44
CA ASP B 97 -7.39 17.59 2.80
C ASP B 97 -7.75 19.03 3.04
N TYR B 98 -8.73 19.28 3.88
CA TYR B 98 -9.18 20.64 4.07
C TYR B 98 -8.46 21.46 5.11
N PHE B 99 -8.54 21.03 6.34
CA PHE B 99 -7.94 21.77 7.40
C PHE B 99 -6.83 20.96 8.01
N TYR B 100 -5.92 21.59 8.69
CA TYR B 100 -4.83 20.84 9.30
C TYR B 100 -5.24 20.37 10.70
N PRO B 101 -4.83 19.18 11.14
CA PRO B 101 -3.99 18.21 10.41
C PRO B 101 -4.75 17.43 9.34
N HIS B 102 -4.03 16.87 8.38
CA HIS B 102 -4.63 16.13 7.27
C HIS B 102 -4.80 14.66 7.67
N THR B 103 -5.70 14.46 8.64
CA THR B 103 -5.84 13.16 9.28
C THR B 103 -6.42 12.12 8.32
N PHE B 104 -5.94 10.89 8.45
CA PHE B 104 -6.39 9.78 7.64
C PHE B 104 -7.57 9.06 8.32
N GLY B 105 -8.30 8.29 7.52
CA GLY B 105 -9.27 7.36 8.06
C GLY B 105 -8.63 6.03 8.40
N GLY B 106 -9.38 5.21 9.14
CA GLY B 106 -8.86 3.93 9.56
C GLY B 106 -8.57 2.97 8.42
N GLY B 107 -9.19 3.19 7.26
CA GLY B 107 -8.97 2.35 6.11
C GLY B 107 -10.06 1.30 5.95
N THR B 108 -10.12 0.73 4.75
CA THR B 108 -11.09 -0.33 4.44
C THR B 108 -10.42 -1.34 3.53
N LYS B 109 -10.25 -2.56 4.03
CA LYS B 109 -9.67 -3.64 3.23
C LYS B 109 -10.71 -4.16 2.25
N VAL B 110 -10.34 -4.22 0.97
CA VAL B 110 -11.23 -4.68 -0.10
C VAL B 110 -10.64 -5.97 -0.65
N GLU B 111 -11.34 -7.07 -0.43
CA GLU B 111 -10.91 -8.39 -0.88
C GLU B 111 -11.92 -8.95 -1.88
N ILE B 112 -11.45 -9.89 -2.69
CA ILE B 112 -12.30 -10.54 -3.67
C ILE B 112 -13.06 -11.68 -2.98
N LYS B 113 -14.39 -11.67 -3.13
CA LYS B 113 -15.20 -12.76 -2.61
C LYS B 113 -15.22 -13.90 -3.61
N ARG B 114 -14.96 -15.12 -3.13
CA ARG B 114 -14.94 -16.30 -3.98
C ARG B 114 -15.67 -17.43 -3.24
N THR B 115 -15.71 -18.59 -3.87
CA THR B 115 -16.37 -19.74 -3.28
C THR B 115 -15.58 -20.24 -2.07
N VAL B 116 -16.29 -20.93 -1.17
CA VAL B 116 -15.64 -21.51 -0.01
C VAL B 116 -14.60 -22.52 -0.45
N ALA B 117 -13.42 -22.45 0.18
CA ALA B 117 -12.31 -23.35 -0.14
C ALA B 117 -11.67 -23.78 1.16
N ALA B 118 -11.65 -25.08 1.42
CA ALA B 118 -11.08 -25.59 2.65
C ALA B 118 -9.55 -25.51 2.61
N PRO B 119 -8.90 -25.40 3.78
CA PRO B 119 -7.43 -25.36 3.79
C PRO B 119 -6.83 -26.75 3.77
N SER B 120 -5.70 -26.87 3.07
CA SER B 120 -4.87 -28.06 3.16
C SER B 120 -3.93 -27.91 4.35
N VAL B 121 -4.04 -28.82 5.32
CA VAL B 121 -3.36 -28.69 6.60
C VAL B 121 -2.14 -29.60 6.62
N PHE B 122 -1.01 -29.06 7.08
CA PHE B 122 0.23 -29.81 7.23
C PHE B 122 0.84 -29.49 8.58
N ILE B 123 1.52 -30.47 9.17
CA ILE B 123 2.22 -30.30 10.43
C ILE B 123 3.66 -30.76 10.26
N PHE B 124 4.60 -29.89 10.63
CA PHE B 124 6.03 -30.17 10.48
C PHE B 124 6.66 -30.32 11.85
N PRO B 125 7.23 -31.46 12.19
CA PRO B 125 7.97 -31.58 13.47
C PRO B 125 9.22 -30.73 13.44
N PRO B 126 9.78 -30.40 14.60
CA PRO B 126 11.01 -29.59 14.61
C PRO B 126 12.18 -30.34 13.98
N SER B 127 13.00 -29.60 13.25
CA SER B 127 14.18 -30.18 12.62
C SER B 127 15.15 -30.68 13.68
N ASP B 128 15.95 -31.68 13.30
CA ASP B 128 17.00 -32.14 14.20
C ASP B 128 18.12 -31.12 14.32
N GLU B 129 18.33 -30.31 13.28
CA GLU B 129 19.30 -29.23 13.36
C GLU B 129 18.89 -28.21 14.43
N GLN B 130 17.58 -27.91 14.51
CA GLN B 130 17.10 -27.08 15.61
C GLN B 130 17.22 -27.80 16.95
N LEU B 131 17.04 -29.13 16.94
CA LEU B 131 17.20 -29.93 18.16
C LEU B 131 18.65 -29.98 18.63
N LYS B 132 19.59 -29.36 17.91
CA LYS B 132 20.93 -29.16 18.44
C LYS B 132 20.98 -28.04 19.46
N SER B 133 20.05 -27.09 19.38
CA SER B 133 19.96 -25.98 20.32
C SER B 133 18.99 -26.34 21.43
N GLY B 134 18.48 -25.32 22.14
CA GLY B 134 17.60 -25.53 23.27
C GLY B 134 16.13 -25.25 23.06
N THR B 135 15.71 -24.97 21.82
CA THR B 135 14.32 -24.67 21.51
C THR B 135 13.81 -25.66 20.47
N ALA B 136 12.49 -25.83 20.43
CA ALA B 136 11.83 -26.70 19.47
C ALA B 136 10.62 -25.99 18.89
N SER B 137 10.53 -25.95 17.56
CA SER B 137 9.48 -25.23 16.86
C SER B 137 8.69 -26.20 15.99
N VAL B 138 7.38 -26.26 16.21
CA VAL B 138 6.47 -27.05 15.40
C VAL B 138 5.61 -26.10 14.58
N VAL B 139 5.51 -26.34 13.28
CA VAL B 139 4.82 -25.47 12.36
C VAL B 139 3.59 -26.19 11.81
N CYS B 140 2.46 -25.50 11.81
CA CYS B 140 1.22 -25.99 11.22
C CYS B 140 0.85 -25.06 10.07
N LEU B 141 0.76 -25.60 8.86
CA LEU B 141 0.51 -24.83 7.66
C LEU B 141 -0.92 -25.06 7.17
N LEU B 142 -1.61 -23.96 6.86
CA LEU B 142 -2.93 -23.98 6.26
C LEU B 142 -2.82 -23.37 4.88
N ASN B 143 -3.08 -24.15 3.84
CA ASN B 143 -2.78 -23.75 2.47
C ASN B 143 -4.05 -23.49 1.68
N ASN B 144 -4.13 -22.29 1.10
CA ASN B 144 -5.15 -21.92 0.11
C ASN B 144 -6.57 -22.15 0.60
N PHE B 145 -7.10 -21.22 1.37
CA PHE B 145 -8.46 -21.33 1.88
C PHE B 145 -9.20 -20.01 1.74
N TYR B 146 -10.53 -20.09 1.85
CA TYR B 146 -11.40 -18.93 1.83
C TYR B 146 -12.70 -19.30 2.53
N PRO B 147 -13.25 -18.44 3.40
CA PRO B 147 -12.76 -17.09 3.73
C PRO B 147 -11.55 -17.09 4.67
N ARG B 148 -11.13 -15.88 5.06
CA ARG B 148 -9.93 -15.72 5.87
C ARG B 148 -10.11 -16.22 7.29
N GLU B 149 -11.34 -16.25 7.80
CA GLU B 149 -11.57 -16.65 9.19
C GLU B 149 -11.23 -18.12 9.38
N ALA B 150 -10.23 -18.39 10.20
CA ALA B 150 -9.80 -19.75 10.50
C ALA B 150 -9.33 -19.82 11.95
N LYS B 151 -9.45 -20.99 12.55
CA LYS B 151 -9.06 -21.22 13.93
C LYS B 151 -8.08 -22.36 14.00
N VAL B 152 -6.94 -22.12 14.66
CA VAL B 152 -5.89 -23.13 14.83
C VAL B 152 -5.64 -23.31 16.31
N GLN B 153 -5.70 -24.56 16.77
CA GLN B 153 -5.47 -24.89 18.17
C GLN B 153 -4.37 -25.95 18.26
N TRP B 154 -3.46 -25.77 19.21
CA TRP B 154 -2.36 -26.69 19.44
C TRP B 154 -2.67 -27.62 20.61
N LYS B 155 -2.19 -28.86 20.50
CA LYS B 155 -2.41 -29.88 21.52
C LYS B 155 -1.12 -30.66 21.75
N VAL B 156 -0.73 -30.80 23.01
CA VAL B 156 0.42 -31.61 23.40
C VAL B 156 -0.08 -32.70 24.33
N ASP B 157 -0.08 -33.94 23.85
CA ASP B 157 -0.65 -35.07 24.57
C ASP B 157 -2.09 -34.76 25.00
N ASN B 158 -2.85 -34.17 24.07
CA ASN B 158 -4.24 -33.79 24.30
C ASN B 158 -4.36 -32.76 25.42
N ALA B 159 -3.43 -31.81 25.44
CA ALA B 159 -3.48 -30.67 26.36
C ALA B 159 -3.48 -29.39 25.53
N LEU B 160 -4.56 -28.61 25.65
CA LEU B 160 -4.71 -27.43 24.82
C LEU B 160 -3.66 -26.38 25.15
N GLN B 161 -2.95 -25.91 24.15
CA GLN B 161 -1.90 -24.91 24.32
C GLN B 161 -2.47 -23.50 24.22
N SER B 162 -1.78 -22.56 24.85
CA SER B 162 -2.18 -21.16 24.84
C SER B 162 -1.00 -20.30 25.26
N GLY B 163 -0.80 -19.20 24.55
CA GLY B 163 0.24 -18.25 24.90
C GLY B 163 1.64 -18.63 24.51
N ASN B 164 1.81 -19.68 23.70
CA ASN B 164 3.13 -20.09 23.23
C ASN B 164 3.12 -20.38 21.73
N SER B 165 2.30 -19.63 20.98
CA SER B 165 2.21 -19.83 19.55
C SER B 165 1.94 -18.48 18.88
N GLN B 166 2.53 -18.31 17.70
CA GLN B 166 2.29 -17.13 16.88
C GLN B 166 1.91 -17.57 15.47
N GLU B 167 1.25 -16.68 14.75
CA GLU B 167 0.76 -17.01 13.42
C GLU B 167 0.83 -15.78 12.53
N SER B 168 0.74 -16.01 11.22
CA SER B 168 0.71 -14.94 10.25
C SER B 168 0.04 -15.46 8.97
N VAL B 169 -0.64 -14.56 8.28
CA VAL B 169 -1.39 -14.88 7.07
C VAL B 169 -0.79 -14.11 5.91
N THR B 170 -0.80 -14.74 4.73
CA THR B 170 -0.35 -14.08 3.52
C THR B 170 -1.45 -13.17 2.97
N GLU B 171 -1.14 -12.47 1.88
CA GLU B 171 -2.15 -11.70 1.19
C GLU B 171 -2.98 -12.61 0.30
N GLN B 172 -4.13 -12.10 -0.14
CA GLN B 172 -4.99 -12.88 -1.03
C GLN B 172 -4.27 -13.17 -2.33
N ASP B 173 -4.16 -14.46 -2.66
CA ASP B 173 -3.41 -14.86 -3.85
C ASP B 173 -4.08 -14.32 -5.11
N SER B 174 -3.26 -13.85 -6.04
CA SER B 174 -3.80 -13.26 -7.26
C SER B 174 -4.46 -14.30 -8.16
N LYS B 175 -4.02 -15.56 -8.08
CA LYS B 175 -4.56 -16.59 -8.96
C LYS B 175 -5.91 -17.09 -8.47
N ASP B 176 -5.95 -17.65 -7.26
CA ASP B 176 -7.14 -18.31 -6.75
C ASP B 176 -7.87 -17.50 -5.67
N SER B 177 -7.37 -16.33 -5.32
CA SER B 177 -8.01 -15.44 -4.34
C SER B 177 -8.08 -16.07 -2.95
N THR B 178 -7.14 -16.93 -2.61
CA THR B 178 -7.14 -17.63 -1.33
C THR B 178 -6.04 -17.10 -0.43
N TYR B 179 -6.09 -17.56 0.82
CA TYR B 179 -5.12 -17.19 1.85
C TYR B 179 -4.36 -18.42 2.31
N SER B 180 -3.21 -18.19 2.92
CA SER B 180 -2.43 -19.23 3.57
C SER B 180 -2.03 -18.75 4.96
N LEU B 181 -2.17 -19.65 5.94
CA LEU B 181 -1.80 -19.35 7.32
C LEU B 181 -0.65 -20.22 7.76
N SER B 182 0.24 -19.67 8.58
CA SER B 182 1.37 -20.39 9.14
C SER B 182 1.41 -20.12 10.63
N SER B 183 1.33 -21.17 11.44
CA SER B 183 1.32 -21.06 12.89
C SER B 183 2.51 -21.83 13.45
N THR B 184 3.22 -21.22 14.40
CA THR B 184 4.43 -21.80 14.98
C THR B 184 4.26 -21.92 16.49
N LEU B 185 4.21 -23.16 16.98
CA LEU B 185 4.23 -23.43 18.41
C LEU B 185 5.68 -23.55 18.87
N THR B 186 6.07 -22.72 19.82
CA THR B 186 7.44 -22.69 20.32
C THR B 186 7.49 -23.33 21.70
N LEU B 187 8.31 -24.37 21.83
CA LEU B 187 8.55 -25.05 23.09
C LEU B 187 10.04 -25.15 23.33
N SER B 188 10.42 -25.31 24.60
CA SER B 188 11.79 -25.63 24.93
C SER B 188 12.03 -27.12 24.71
N LYS B 189 13.29 -27.47 24.44
CA LYS B 189 13.63 -28.87 24.17
C LYS B 189 13.26 -29.76 25.35
N ALA B 190 13.46 -29.25 26.58
CA ALA B 190 13.06 -30.01 27.77
C ALA B 190 11.57 -30.33 27.75
N ASP B 191 10.75 -29.34 27.39
CA ASP B 191 9.31 -29.58 27.29
C ASP B 191 8.97 -30.48 26.11
N TYR B 192 9.71 -30.33 25.00
CA TYR B 192 9.43 -31.13 23.82
C TYR B 192 9.74 -32.61 24.06
N GLU B 193 10.81 -32.89 24.81
CA GLU B 193 11.20 -34.27 25.08
C GLU B 193 10.33 -34.95 26.13
N LYS B 194 9.42 -34.22 26.78
CA LYS B 194 8.59 -34.78 27.82
C LYS B 194 7.17 -35.09 27.35
N HIS B 195 6.92 -35.01 26.05
CA HIS B 195 5.60 -35.29 25.49
C HIS B 195 5.75 -35.98 24.14
N LYS B 196 4.74 -36.75 23.76
CA LYS B 196 4.79 -37.59 22.57
C LYS B 196 3.88 -37.12 21.45
N VAL B 197 2.64 -36.75 21.75
CA VAL B 197 1.64 -36.42 20.73
C VAL B 197 1.59 -34.91 20.55
N TYR B 198 1.78 -34.45 19.32
CA TYR B 198 1.70 -33.05 18.96
C TYR B 198 0.76 -32.91 17.78
N ALA B 199 -0.19 -31.97 17.86
CA ALA B 199 -1.23 -31.85 16.84
C ALA B 199 -1.76 -30.42 16.80
N CYS B 200 -2.18 -30.01 15.61
CA CYS B 200 -2.90 -28.76 15.41
C CYS B 200 -4.27 -29.08 14.83
N GLU B 201 -5.32 -28.52 15.45
CA GLU B 201 -6.70 -28.76 15.06
C GLU B 201 -7.24 -27.51 14.38
N VAL B 202 -7.62 -27.63 13.11
CA VAL B 202 -8.06 -26.49 12.30
C VAL B 202 -9.58 -26.50 12.25
N THR B 203 -10.19 -25.33 12.46
CA THR B 203 -11.63 -25.13 12.33
C THR B 203 -11.87 -24.09 11.25
N HIS B 204 -12.48 -24.50 10.15
CA HIS B 204 -12.73 -23.61 9.03
C HIS B 204 -14.10 -23.91 8.43
N GLN B 205 -14.69 -22.89 7.80
CA GLN B 205 -16.02 -23.04 7.20
C GLN B 205 -16.02 -24.07 6.08
N GLY B 206 -14.89 -24.26 5.42
CA GLY B 206 -14.76 -25.25 4.36
C GLY B 206 -14.60 -26.69 4.82
N LEU B 207 -14.56 -26.91 6.13
CA LEU B 207 -14.42 -28.25 6.69
C LEU B 207 -15.74 -28.65 7.34
N SER B 208 -16.26 -29.82 6.95
CA SER B 208 -17.46 -30.33 7.60
C SER B 208 -17.21 -30.58 9.09
N SER B 209 -16.07 -31.14 9.43
CA SER B 209 -15.64 -31.34 10.80
C SER B 209 -14.22 -30.83 10.96
N PRO B 210 -13.85 -30.38 12.15
CA PRO B 210 -12.49 -29.89 12.37
C PRO B 210 -11.44 -30.95 12.03
N VAL B 211 -10.39 -30.51 11.34
CA VAL B 211 -9.32 -31.39 10.88
C VAL B 211 -8.15 -31.30 11.86
N THR B 212 -7.63 -32.45 12.24
CA THR B 212 -6.49 -32.55 13.15
C THR B 212 -5.36 -33.31 12.47
N LYS B 213 -4.17 -32.73 12.48
CA LYS B 213 -2.96 -33.36 11.96
C LYS B 213 -1.97 -33.50 13.10
N SER B 214 -1.54 -34.73 13.37
CA SER B 214 -0.68 -35.03 14.51
C SER B 214 0.56 -35.79 14.07
N PHE B 215 1.49 -35.93 15.00
CA PHE B 215 2.66 -36.77 14.83
C PHE B 215 3.16 -37.19 16.20
N ASN B 216 3.97 -38.25 16.22
CA ASN B 216 4.61 -38.74 17.43
C ASN B 216 6.10 -38.49 17.34
N ARG B 217 6.67 -37.92 18.40
CA ARG B 217 8.09 -37.59 18.39
C ARG B 217 8.93 -38.87 18.40
N GLY B 218 9.98 -38.87 17.57
CA GLY B 218 10.84 -40.02 17.45
C GLY B 218 10.32 -41.11 16.54
N GLU B 219 9.17 -40.90 15.89
CA GLU B 219 8.59 -41.88 14.99
C GLU B 219 8.52 -41.30 13.58
N CYS B 220 8.81 -42.13 12.59
CA CYS B 220 8.79 -41.69 11.20
C CYS B 220 8.01 -42.67 10.32
N TRP C 1 -6.59 37.55 -8.86
CA TRP C 1 -6.84 37.25 -10.27
C TRP C 1 -8.23 36.67 -10.47
N ASN C 2 -8.78 36.89 -11.67
CA ASN C 2 -10.12 36.48 -12.04
C ASN C 2 -10.13 35.06 -12.61
N PRO C 3 -11.27 34.38 -12.56
CA PRO C 3 -11.36 33.07 -13.18
C PRO C 3 -11.17 33.18 -14.69
N PRO C 4 -10.61 32.15 -15.32
CA PRO C 4 -10.40 32.21 -16.78
C PRO C 4 -11.70 32.12 -17.57
N THR C 5 -11.58 32.20 -18.90
CA THR C 5 -12.73 32.18 -19.80
C THR C 5 -12.55 31.03 -20.78
N PHE C 6 -13.54 30.12 -20.82
CA PHE C 6 -13.53 28.96 -21.70
C PHE C 6 -14.53 29.21 -22.82
N SER C 7 -14.02 29.48 -24.02
CA SER C 7 -14.85 29.79 -25.18
C SER C 7 -14.48 28.87 -26.33
N PRO C 8 -15.45 28.56 -27.21
CA PRO C 8 -16.85 29.00 -27.17
C PRO C 8 -17.71 28.16 -26.23
N ALA C 9 -18.82 28.72 -25.75
CA ALA C 9 -19.68 28.00 -24.83
C ALA C 9 -20.25 26.73 -25.46
N LEU C 10 -20.40 26.72 -26.79
CA LEU C 10 -20.83 25.53 -27.51
C LEU C 10 -20.01 25.43 -28.78
N LEU C 11 -19.36 24.28 -28.97
CA LEU C 11 -18.51 24.04 -30.14
C LEU C 11 -18.98 22.75 -30.80
N VAL C 12 -19.64 22.88 -31.95
CA VAL C 12 -20.12 21.74 -32.72
C VAL C 12 -19.12 21.49 -33.85
N VAL C 13 -18.61 20.26 -33.91
CA VAL C 13 -17.55 19.90 -34.83
C VAL C 13 -17.83 18.50 -35.37
N THR C 14 -17.66 18.34 -36.68
CA THR C 14 -17.90 17.04 -37.31
C THR C 14 -16.88 16.01 -36.82
N GLU C 15 -17.20 14.74 -37.04
CA GLU C 15 -16.36 13.66 -36.53
C GLU C 15 -15.00 13.66 -37.20
N GLY C 16 -13.95 13.45 -36.40
CA GLY C 16 -12.60 13.34 -36.91
C GLY C 16 -11.99 14.64 -37.38
N ASP C 17 -12.22 15.73 -36.66
CA ASP C 17 -11.69 17.04 -37.03
C ASP C 17 -10.77 17.56 -35.94
N ASN C 18 -10.46 18.85 -36.01
CA ASN C 18 -9.59 19.53 -35.04
C ASN C 18 -10.45 20.53 -34.27
N ALA C 19 -10.88 20.13 -33.07
CA ALA C 19 -11.66 21.00 -32.19
C ALA C 19 -10.72 21.66 -31.19
N THR C 20 -10.79 22.99 -31.11
CA THR C 20 -9.85 23.77 -30.31
C THR C 20 -10.63 24.75 -29.43
N PHE C 21 -10.41 24.67 -28.13
CA PHE C 21 -10.97 25.62 -27.17
C PHE C 21 -9.96 26.72 -26.88
N THR C 22 -10.41 27.74 -26.15
CA THR C 22 -9.57 28.87 -25.78
C THR C 22 -9.80 29.20 -24.32
N CYS C 23 -8.76 29.04 -23.50
CA CYS C 23 -8.79 29.37 -22.07
C CYS C 23 -7.97 30.64 -21.90
N SER C 24 -8.65 31.77 -21.74
CA SER C 24 -8.03 33.09 -21.67
C SER C 24 -8.06 33.62 -20.25
N PHE C 25 -6.94 34.22 -19.83
CA PHE C 25 -6.82 34.85 -18.52
C PHE C 25 -6.68 36.35 -18.68
N SER C 26 -7.27 37.10 -17.75
CA SER C 26 -7.08 38.55 -17.75
C SER C 26 -5.70 38.91 -17.21
N ASN C 27 -5.34 38.38 -16.05
CA ASN C 27 -4.02 38.54 -15.48
C ASN C 27 -3.55 37.19 -14.96
N THR C 28 -2.27 36.89 -15.16
CA THR C 28 -1.71 35.61 -14.76
C THR C 28 -1.04 35.72 -13.40
N SER C 29 -0.89 34.55 -12.75
CA SER C 29 -0.16 34.46 -11.50
C SER C 29 1.30 34.12 -11.77
N GLU C 30 2.16 34.41 -10.78
CA GLU C 30 3.59 34.16 -10.95
C GLU C 30 3.87 32.68 -11.17
N SER C 31 3.27 31.82 -10.37
CA SER C 31 3.43 30.38 -10.49
C SER C 31 2.05 29.73 -10.48
N PHE C 32 1.76 28.94 -11.50
CA PHE C 32 0.46 28.31 -11.65
C PHE C 32 0.57 27.15 -12.62
N VAL C 33 -0.32 26.17 -12.47
CA VAL C 33 -0.49 25.09 -13.42
C VAL C 33 -1.91 25.15 -13.95
N LEU C 34 -2.06 25.10 -15.26
CA LEU C 34 -3.36 25.14 -15.91
C LEU C 34 -3.78 23.72 -16.28
N ASN C 35 -5.03 23.39 -15.98
CA ASN C 35 -5.56 22.05 -16.19
C ASN C 35 -6.75 22.08 -17.14
N TRP C 36 -6.86 21.04 -17.96
CA TRP C 36 -8.00 20.83 -18.84
C TRP C 36 -8.85 19.72 -18.26
N TYR C 37 -10.12 20.02 -17.98
CA TYR C 37 -11.01 19.09 -17.31
C TYR C 37 -12.16 18.69 -18.22
N ARG C 38 -12.62 17.45 -18.07
CA ARG C 38 -13.80 16.94 -18.76
C ARG C 38 -14.69 16.23 -17.75
N MET C 39 -15.98 16.51 -17.81
CA MET C 39 -16.94 15.90 -16.88
C MET C 39 -17.46 14.59 -17.46
N SER C 40 -17.37 13.53 -16.67
CA SER C 40 -17.86 12.21 -17.05
C SER C 40 -19.33 12.07 -16.65
N PRO C 41 -20.07 11.17 -17.33
CA PRO C 41 -21.47 10.97 -16.95
C PRO C 41 -21.66 10.51 -15.51
N SER C 42 -20.62 9.99 -14.86
CA SER C 42 -20.69 9.68 -13.44
C SER C 42 -20.49 10.90 -12.55
N ASN C 43 -20.69 12.10 -13.11
CA ASN C 43 -20.50 13.36 -12.40
C ASN C 43 -19.08 13.50 -11.84
N GLN C 44 -18.11 12.91 -12.54
CA GLN C 44 -16.70 13.00 -12.17
C GLN C 44 -16.02 14.06 -13.02
N THR C 45 -14.77 14.34 -12.66
CA THR C 45 -13.93 15.26 -13.43
C THR C 45 -12.61 14.57 -13.74
N ASP C 46 -12.21 14.62 -15.01
CA ASP C 46 -10.98 14.01 -15.47
C ASP C 46 -10.04 15.07 -16.01
N LYS C 47 -8.77 14.96 -15.66
CA LYS C 47 -7.74 15.88 -16.14
C LYS C 47 -7.08 15.28 -17.37
N LEU C 48 -7.31 15.91 -18.53
CA LEU C 48 -6.82 15.39 -19.80
C LEU C 48 -5.41 15.89 -20.11
N ALA C 49 -5.19 17.20 -19.98
CA ALA C 49 -3.89 17.80 -20.23
C ALA C 49 -3.59 18.79 -19.12
N ALA C 50 -2.37 19.34 -19.15
CA ALA C 50 -1.94 20.29 -18.15
C ALA C 50 -0.77 21.10 -18.68
N PHE C 51 -0.78 22.40 -18.41
CA PHE C 51 0.32 23.28 -18.76
C PHE C 51 0.96 23.83 -17.50
N PRO C 52 2.30 23.80 -17.39
CA PRO C 52 3.24 23.26 -18.39
C PRO C 52 3.20 21.74 -18.47
N GLU C 53 3.59 21.20 -19.62
CA GLU C 53 3.50 19.77 -19.86
C GLU C 53 4.58 19.01 -19.10
N ASP C 54 4.19 17.85 -18.56
CA ASP C 54 5.11 16.94 -17.88
C ASP C 54 5.10 15.62 -18.62
N ARG C 55 6.15 15.37 -19.41
CA ARG C 55 6.20 14.16 -20.22
C ARG C 55 6.23 12.91 -19.35
N SER C 56 6.74 13.01 -18.12
CA SER C 56 6.80 11.85 -17.24
C SER C 56 5.47 11.54 -16.58
N GLN C 57 4.53 12.47 -16.58
CA GLN C 57 3.24 12.25 -15.92
C GLN C 57 2.41 11.27 -16.72
N PRO C 58 1.96 10.17 -16.12
CA PRO C 58 1.17 9.18 -16.86
C PRO C 58 -0.27 9.66 -17.05
N GLY C 59 -1.00 8.90 -17.87
CA GLY C 59 -2.39 9.19 -18.14
C GLY C 59 -2.66 10.21 -19.23
N GLN C 60 -1.63 10.86 -19.75
CA GLN C 60 -1.80 11.88 -20.79
C GLN C 60 -1.94 11.21 -22.15
N ASP C 61 -3.00 11.57 -22.88
CA ASP C 61 -3.22 11.07 -24.22
C ASP C 61 -2.67 12.06 -25.24
N CYS C 62 -2.09 11.53 -26.32
CA CYS C 62 -1.49 12.38 -27.34
C CYS C 62 -2.52 13.19 -28.12
N ARG C 63 -3.81 12.86 -28.00
CA ARG C 63 -4.84 13.58 -28.75
C ARG C 63 -5.07 14.96 -28.15
N PHE C 64 -5.36 15.02 -26.85
CA PHE C 64 -5.63 16.28 -26.18
C PHE C 64 -4.32 16.97 -25.82
N ARG C 65 -4.18 18.23 -26.23
CA ARG C 65 -2.97 18.99 -25.99
C ARG C 65 -3.31 20.43 -25.67
N VAL C 66 -2.49 21.06 -24.84
CA VAL C 66 -2.65 22.45 -24.45
C VAL C 66 -1.49 23.25 -25.02
N THR C 67 -1.78 24.41 -25.60
CA THR C 67 -0.78 25.24 -26.26
C THR C 67 -0.87 26.66 -25.73
N GLN C 68 0.26 27.18 -25.26
CA GLN C 68 0.32 28.56 -24.79
C GLN C 68 0.43 29.51 -25.98
N LEU C 69 -0.48 30.47 -26.04
CA LEU C 69 -0.47 31.44 -27.14
C LEU C 69 0.64 32.47 -26.92
N PRO C 70 1.07 33.15 -27.98
CA PRO C 70 2.18 34.11 -27.85
C PRO C 70 1.99 35.16 -26.77
N ASN C 71 0.75 35.58 -26.50
CA ASN C 71 0.54 36.59 -25.47
C ASN C 71 0.70 36.03 -24.05
N GLY C 72 0.83 34.72 -23.90
CA GLY C 72 1.05 34.11 -22.60
C GLY C 72 -0.16 34.05 -21.70
N ARG C 73 -1.21 34.81 -21.98
CA ARG C 73 -2.42 34.76 -21.18
C ARG C 73 -3.45 33.78 -21.71
N ASP C 74 -3.52 33.62 -23.03
CA ASP C 74 -4.50 32.75 -23.65
C ASP C 74 -3.87 31.40 -24.00
N PHE C 75 -4.69 30.35 -23.96
CA PHE C 75 -4.25 28.99 -24.22
C PHE C 75 -5.19 28.33 -25.21
N HIS C 76 -4.70 27.26 -25.85
CA HIS C 76 -5.45 26.52 -26.87
C HIS C 76 -5.56 25.08 -26.42
N MET C 77 -6.76 24.68 -25.98
CA MET C 77 -7.03 23.30 -25.59
C MET C 77 -7.66 22.59 -26.80
N SER C 78 -6.78 22.06 -27.66
CA SER C 78 -7.22 21.43 -28.89
C SER C 78 -7.22 19.91 -28.76
N VAL C 79 -8.16 19.28 -29.44
CA VAL C 79 -8.20 17.83 -29.61
C VAL C 79 -8.17 17.52 -31.10
N VAL C 80 -7.36 16.54 -31.48
CA VAL C 80 -7.22 16.14 -32.87
C VAL C 80 -7.87 14.78 -33.05
N ARG C 81 -8.47 14.58 -34.24
CA ARG C 81 -9.24 13.38 -34.56
C ARG C 81 -10.33 13.16 -33.51
N ALA C 82 -11.32 14.04 -33.57
CA ALA C 82 -12.40 14.02 -32.58
C ALA C 82 -13.33 12.83 -32.81
N ARG C 83 -13.73 12.19 -31.72
CA ARG C 83 -14.62 11.05 -31.75
C ARG C 83 -15.99 11.43 -31.19
N ARG C 84 -17.00 10.65 -31.57
CA ARG C 84 -18.32 10.82 -30.96
C ARG C 84 -18.28 10.56 -29.46
N ASN C 85 -17.30 9.79 -28.98
CA ASN C 85 -17.12 9.61 -27.55
C ASN C 85 -16.75 10.92 -26.87
N ASP C 86 -16.08 11.82 -27.57
CA ASP C 86 -15.61 13.07 -26.98
C ASP C 86 -16.73 14.05 -26.68
N SER C 87 -17.95 13.80 -27.17
CA SER C 87 -19.08 14.68 -26.89
C SER C 87 -19.32 14.76 -25.40
N GLY C 88 -19.24 15.98 -24.86
CA GLY C 88 -19.42 16.18 -23.43
C GLY C 88 -19.17 17.63 -23.07
N THR C 89 -19.03 17.86 -21.77
CA THR C 89 -18.76 19.19 -21.25
C THR C 89 -17.31 19.28 -20.79
N TYR C 90 -16.69 20.44 -21.02
CA TYR C 90 -15.28 20.65 -20.70
C TYR C 90 -15.13 21.97 -19.94
N LEU C 91 -14.00 22.09 -19.25
CA LEU C 91 -13.66 23.31 -18.53
C LEU C 91 -12.17 23.34 -18.28
N CYS C 92 -11.65 24.55 -18.08
CA CYS C 92 -10.25 24.76 -17.74
C CYS C 92 -10.14 25.39 -16.37
N GLY C 93 -9.05 25.09 -15.68
CA GLY C 93 -8.83 25.62 -14.34
C GLY C 93 -7.35 25.79 -14.07
N ALA C 94 -7.03 26.79 -13.26
CA ALA C 94 -5.66 27.07 -12.86
C ALA C 94 -5.54 26.95 -11.35
N ILE C 95 -4.43 26.36 -10.91
CA ILE C 95 -4.09 26.27 -9.50
C ILE C 95 -2.75 26.96 -9.32
N SER C 96 -2.71 27.96 -8.46
CA SER C 96 -1.45 28.63 -8.17
C SER C 96 -0.55 27.73 -7.31
N LEU C 97 0.76 27.89 -7.50
CA LEU C 97 1.74 27.11 -6.75
C LEU C 97 2.22 27.84 -5.50
N ALA C 98 1.53 28.90 -5.08
CA ALA C 98 1.83 29.56 -3.83
C ALA C 98 1.50 28.63 -2.66
N PRO C 99 2.04 28.92 -1.46
CA PRO C 99 1.68 28.12 -0.28
C PRO C 99 0.18 27.92 -0.13
N LYS C 100 -0.57 29.01 -0.01
CA LYS C 100 -2.02 28.93 0.00
C LYS C 100 -2.49 28.91 -1.46
N ALA C 101 -2.72 27.71 -1.99
CA ALA C 101 -3.14 27.57 -3.37
C ALA C 101 -4.59 27.99 -3.53
N GLN C 102 -4.86 28.73 -4.60
CA GLN C 102 -6.20 29.19 -4.93
C GLN C 102 -6.63 28.56 -6.26
N ILE C 103 -7.85 28.04 -6.30
CA ILE C 103 -8.40 27.39 -7.49
C ILE C 103 -9.23 28.40 -8.25
N LYS C 104 -8.96 28.54 -9.55
CA LYS C 104 -9.67 29.46 -10.43
C LYS C 104 -10.07 28.69 -11.68
N GLU C 105 -11.34 28.29 -11.76
CA GLU C 105 -11.81 27.43 -12.83
C GLU C 105 -12.84 28.16 -13.69
N SER C 106 -12.91 27.76 -14.95
CA SER C 106 -13.79 28.39 -15.93
C SER C 106 -15.22 27.88 -15.78
N LEU C 107 -16.11 28.42 -16.60
CA LEU C 107 -17.41 27.82 -16.78
C LEU C 107 -17.32 26.65 -17.77
N ARG C 108 -18.41 25.89 -17.86
CA ARG C 108 -18.42 24.70 -18.69
C ARG C 108 -18.81 25.04 -20.13
N ALA C 109 -18.10 24.43 -21.08
CA ALA C 109 -18.40 24.56 -22.50
C ALA C 109 -18.60 23.17 -23.08
N GLU C 110 -19.67 23.01 -23.86
CA GLU C 110 -20.06 21.70 -24.39
C GLU C 110 -19.43 21.46 -25.75
N LEU C 111 -19.07 20.20 -26.00
CA LEU C 111 -18.51 19.76 -27.27
C LEU C 111 -19.43 18.72 -27.90
N ARG C 112 -19.64 18.84 -29.21
CA ARG C 112 -20.53 17.94 -29.94
C ARG C 112 -19.80 17.38 -31.15
N VAL C 113 -19.83 16.06 -31.31
CA VAL C 113 -19.23 15.41 -32.46
C VAL C 113 -20.19 14.39 -33.06
#